data_7YY0
#
_entry.id   7YY0
#
_cell.length_a   76.793
_cell.length_b   125.041
_cell.length_c   118.420
_cell.angle_alpha   90.000
_cell.angle_beta   90.000
_cell.angle_gamma   90.000
#
_symmetry.space_group_name_H-M   'C 2 2 21'
#
loop_
_entity.id
_entity.type
_entity.pdbx_description
1 polymer 'Phosphopantetheine adenylyltransferase'
2 non-polymer "4'-PHOSPHOPANTETHEINE"
3 water water
#
_entity_poly.entity_id   1
_entity_poly.type   'polypeptide(L)'
_entity_poly.pdbx_seq_one_letter_code
;SMTGAVCPGSFDPVTLGHLDVFERAAAQFDEVIVAVLINPNKAGMFTVDERIEMIRESTADLPNLRVESGQGLLVDFVRE
RGLNAIVKGLRTGTDFEYELQMAQMNKHIAGVDTFFVATAPAYSFVSSSLAKEVATYGGDVSALLPASVHQRLLGKLRGQ
AQ
;
_entity_poly.pdbx_strand_id   A,B,C
#
# COMPACT_ATOMS: atom_id res chain seq x y z
N MET A 2 -0.52 -5.67 -37.60
CA MET A 2 -1.74 -5.56 -36.80
C MET A 2 -1.52 -5.99 -35.34
N THR A 3 -0.32 -6.48 -35.03
CA THR A 3 0.06 -6.68 -33.63
C THR A 3 0.16 -5.32 -32.94
N GLY A 4 -0.36 -5.19 -31.72
CA GLY A 4 -0.32 -3.92 -31.02
C GLY A 4 -0.58 -4.00 -29.53
N ALA A 5 -0.08 -3.01 -28.81
CA ALA A 5 -0.25 -2.97 -27.37
C ALA A 5 -0.52 -1.56 -26.87
N VAL A 6 -1.20 -1.47 -25.74
CA VAL A 6 -1.40 -0.20 -25.07
C VAL A 6 -0.50 -0.13 -23.84
N CYS A 7 0.22 0.97 -23.68
CA CYS A 7 0.98 1.26 -22.45
C CYS A 7 0.26 2.33 -21.64
N PRO A 8 -0.42 1.93 -20.56
CA PRO A 8 -1.24 2.84 -19.76
C PRO A 8 -0.52 3.44 -18.55
N GLY A 9 -1.05 4.57 -18.08
CA GLY A 9 -0.56 5.18 -16.85
C GLY A 9 -1.11 6.59 -16.73
N SER A 10 -0.79 7.27 -15.65
CA SER A 10 -1.17 8.66 -15.48
CA SER A 10 -1.15 8.67 -15.45
C SER A 10 -0.10 9.58 -16.08
N PHE A 11 1.14 9.08 -16.12
CA PHE A 11 2.30 9.80 -16.64
C PHE A 11 2.36 11.27 -16.23
N ASP A 12 2.46 11.48 -14.93
CA ASP A 12 2.35 12.82 -14.34
C ASP A 12 3.55 13.15 -13.42
N PRO A 13 4.75 13.27 -14.01
CA PRO A 13 5.13 13.24 -15.42
C PRO A 13 5.64 11.88 -15.90
N VAL A 14 5.80 11.71 -17.21
CA VAL A 14 6.48 10.54 -17.75
C VAL A 14 7.93 10.47 -17.20
N THR A 15 8.43 9.26 -16.89
CA THR A 15 9.81 9.07 -16.44
C THR A 15 10.65 8.31 -17.47
N LEU A 16 11.96 8.20 -17.23
CA LEU A 16 12.81 7.38 -18.08
C LEU A 16 12.52 5.88 -17.91
N GLY A 17 11.93 5.52 -16.78
CA GLY A 17 11.45 4.17 -16.59
C GLY A 17 10.30 3.89 -17.55
N HIS A 18 9.41 4.84 -17.68
CA HIS A 18 8.31 4.69 -18.64
C HIS A 18 8.86 4.64 -20.06
N LEU A 19 9.77 5.56 -20.38
CA LEU A 19 10.31 5.65 -21.73
C LEU A 19 10.99 4.35 -22.13
N ASP A 20 11.73 3.77 -21.18
CA ASP A 20 12.38 2.49 -21.41
C ASP A 20 11.32 1.46 -21.83
N VAL A 21 10.20 1.41 -21.11
CA VAL A 21 9.15 0.44 -21.42
C VAL A 21 8.51 0.72 -22.80
N PHE A 22 8.21 1.99 -23.06
CA PHE A 22 7.67 2.39 -24.37
C PHE A 22 8.53 1.88 -25.52
N GLU A 23 9.84 2.03 -25.38
CA GLU A 23 10.80 1.65 -26.42
C GLU A 23 10.81 0.15 -26.63
N ARG A 24 10.75 -0.61 -25.54
CA ARG A 24 10.71 -2.06 -25.67
C ARG A 24 9.38 -2.52 -26.27
N ALA A 25 8.28 -1.88 -25.89
CA ALA A 25 6.99 -2.22 -26.47
C ALA A 25 7.03 -1.90 -27.95
N ALA A 26 7.58 -0.74 -28.29
CA ALA A 26 7.62 -0.29 -29.69
C ALA A 26 8.47 -1.20 -30.55
N ALA A 27 9.49 -1.77 -29.94
CA ALA A 27 10.36 -2.69 -30.67
C ALA A 27 9.73 -4.06 -30.92
N GLN A 28 8.72 -4.43 -30.14
CA GLN A 28 8.24 -5.81 -30.17
C GLN A 28 6.83 -5.97 -30.73
N PHE A 29 6.06 -4.88 -30.72
CA PHE A 29 4.69 -4.87 -31.24
C PHE A 29 4.65 -4.00 -32.50
N ASP A 30 3.69 -4.23 -33.39
CA ASP A 30 3.71 -3.44 -34.61
C ASP A 30 3.27 -2.00 -34.34
N GLU A 31 2.36 -1.81 -33.39
CA GLU A 31 2.04 -0.45 -32.96
C GLU A 31 1.87 -0.36 -31.45
N VAL A 32 2.22 0.80 -30.91
CA VAL A 32 2.01 1.11 -29.51
C VAL A 32 1.18 2.38 -29.34
N ILE A 33 0.17 2.29 -28.48
CA ILE A 33 -0.59 3.46 -28.05
C ILE A 33 -0.32 3.69 -26.57
N VAL A 34 0.32 4.81 -26.24
CA VAL A 34 0.44 5.23 -24.83
C VAL A 34 -0.88 5.84 -24.38
N ALA A 35 -1.51 5.23 -23.39
CA ALA A 35 -2.79 5.69 -22.88
C ALA A 35 -2.60 6.55 -21.66
N VAL A 36 -2.82 7.85 -21.80
CA VAL A 36 -2.72 8.74 -20.66
C VAL A 36 -4.08 8.78 -19.99
N LEU A 37 -4.21 7.99 -18.93
CA LEU A 37 -5.49 7.81 -18.26
C LEU A 37 -5.67 8.89 -17.20
N ILE A 38 -6.79 9.58 -17.33
CA ILE A 38 -7.07 10.79 -16.55
C ILE A 38 -8.24 10.58 -15.60
N ASN A 39 -8.02 10.88 -14.32
CA ASN A 39 -9.11 10.95 -13.37
C ASN A 39 -9.74 12.34 -13.48
N PRO A 40 -11.01 12.39 -13.92
CA PRO A 40 -11.64 13.69 -14.18
C PRO A 40 -11.89 14.49 -12.90
N ASN A 41 -11.76 13.85 -11.74
CA ASN A 41 -11.96 14.55 -10.47
C ASN A 41 -10.66 14.82 -9.73
N LYS A 42 -9.58 14.17 -10.14
CA LYS A 42 -8.28 14.38 -9.51
C LYS A 42 -7.33 15.09 -10.47
N ALA A 43 -7.11 16.37 -10.23
CA ALA A 43 -6.10 17.11 -10.97
C ALA A 43 -4.72 16.62 -10.56
N GLY A 44 -3.83 16.49 -11.53
CA GLY A 44 -2.47 16.12 -11.21
C GLY A 44 -1.63 17.37 -11.22
N MET A 45 -0.32 17.21 -11.35
CA MET A 45 0.55 18.35 -11.45
C MET A 45 0.49 18.91 -12.86
N PHE A 46 0.38 18.03 -13.85
CA PHE A 46 0.37 18.46 -15.25
C PHE A 46 -1.00 18.26 -15.91
N THR A 47 -1.36 19.20 -16.78
CA THR A 47 -2.56 19.06 -17.59
C THR A 47 -2.40 17.92 -18.58
N VAL A 48 -3.50 17.47 -19.17
CA VAL A 48 -3.40 16.40 -20.20
C VAL A 48 -2.50 16.87 -21.34
N ASP A 49 -2.66 18.11 -21.77
CA ASP A 49 -1.81 18.60 -22.86
C ASP A 49 -0.34 18.50 -22.53
N GLU A 50 0.02 18.94 -21.32
CA GLU A 50 1.41 18.91 -20.89
C GLU A 50 1.92 17.48 -20.79
N ARG A 51 1.10 16.59 -20.22
CA ARG A 51 1.49 15.17 -20.12
C ARG A 51 1.73 14.58 -21.49
N ILE A 52 0.83 14.89 -22.43
CA ILE A 52 0.95 14.34 -23.77
C ILE A 52 2.15 14.93 -24.51
N GLU A 53 2.42 16.22 -24.33
CA GLU A 53 3.54 16.82 -25.04
C GLU A 53 4.88 16.26 -24.53
N MET A 54 5.00 16.08 -23.22
CA MET A 54 6.23 15.53 -22.66
C MET A 54 6.51 14.14 -23.22
N ILE A 55 5.48 13.33 -23.35
CA ILE A 55 5.65 11.99 -23.92
C ILE A 55 6.00 12.06 -25.39
N ARG A 56 5.31 12.91 -26.15
CA ARG A 56 5.58 13.02 -27.57
C ARG A 56 7.01 13.48 -27.87
N GLU A 57 7.49 14.47 -27.14
CA GLU A 57 8.82 15.02 -27.36
C GLU A 57 9.91 14.00 -27.07
N SER A 58 9.59 13.01 -26.24
CA SER A 58 10.56 11.99 -25.83
C SER A 58 10.46 10.70 -26.65
N THR A 59 9.39 10.56 -27.44
CA THR A 59 9.16 9.36 -28.23
C THR A 59 9.15 9.64 -29.73
N ALA A 60 9.75 10.75 -30.14
CA ALA A 60 9.67 11.16 -31.53
C ALA A 60 10.41 10.19 -32.44
N ASP A 61 11.41 9.50 -31.89
CA ASP A 61 12.20 8.56 -32.67
C ASP A 61 11.50 7.21 -32.84
N LEU A 62 10.33 7.06 -32.23
CA LEU A 62 9.55 5.84 -32.37
C LEU A 62 8.40 6.06 -33.35
N PRO A 63 8.54 5.54 -34.57
CA PRO A 63 7.55 5.86 -35.62
C PRO A 63 6.21 5.15 -35.43
N ASN A 64 6.18 4.07 -34.66
CA ASN A 64 4.97 3.27 -34.51
C ASN A 64 4.32 3.50 -33.14
N LEU A 65 4.71 4.56 -32.46
CA LEU A 65 4.10 4.90 -31.19
C LEU A 65 3.29 6.21 -31.30
N ARG A 66 2.07 6.18 -30.79
CA ARG A 66 1.27 7.40 -30.69
C ARG A 66 0.69 7.51 -29.29
N VAL A 67 0.27 8.73 -28.94
CA VAL A 67 -0.16 9.06 -27.58
C VAL A 67 -1.59 9.57 -27.57
N GLU A 68 -2.41 9.02 -26.67
CA GLU A 68 -3.82 9.46 -26.57
C GLU A 68 -4.24 9.45 -25.12
N SER A 69 -5.17 10.32 -24.76
CA SER A 69 -5.72 10.32 -23.41
C SER A 69 -7.06 9.61 -23.39
N GLY A 70 -7.49 9.21 -22.21
CA GLY A 70 -8.75 8.50 -22.07
C GLY A 70 -9.12 8.43 -20.62
N GLN A 71 -10.27 7.84 -20.32
CA GLN A 71 -10.67 7.63 -18.94
C GLN A 71 -11.58 6.42 -18.87
N GLY A 72 -12.00 6.05 -17.67
CA GLY A 72 -12.85 4.88 -17.50
C GLY A 72 -12.05 3.59 -17.53
N LEU A 73 -12.65 2.53 -18.05
CA LEU A 73 -12.00 1.21 -18.09
C LEU A 73 -10.87 1.13 -19.11
N LEU A 74 -9.71 0.67 -18.67
CA LEU A 74 -8.60 0.51 -19.58
C LEU A 74 -8.95 -0.48 -20.70
N VAL A 75 -9.63 -1.57 -20.38
CA VAL A 75 -9.92 -2.56 -21.42
C VAL A 75 -10.89 -2.02 -22.50
N ASP A 76 -11.68 -1.00 -22.16
CA ASP A 76 -12.52 -0.40 -23.19
C ASP A 76 -11.65 0.40 -24.16
N PHE A 77 -10.66 1.11 -23.60
CA PHE A 77 -9.68 1.85 -24.40
C PHE A 77 -8.95 0.91 -25.34
N VAL A 78 -8.47 -0.21 -24.80
CA VAL A 78 -7.76 -1.18 -25.60
C VAL A 78 -8.63 -1.77 -26.71
N ARG A 79 -9.81 -2.26 -26.35
CA ARG A 79 -10.65 -2.96 -27.35
C ARG A 79 -11.28 -2.02 -28.38
N GLU A 80 -11.50 -0.75 -28.04
CA GLU A 80 -12.07 0.24 -28.98
C GLU A 80 -11.10 0.40 -30.14
N ARG A 81 -9.81 0.23 -29.89
CA ARG A 81 -8.83 0.36 -30.95
C ARG A 81 -8.50 -0.98 -31.62
N GLY A 82 -9.30 -1.99 -31.29
CA GLY A 82 -9.17 -3.29 -31.93
C GLY A 82 -7.92 -4.03 -31.47
N LEU A 83 -7.41 -3.63 -30.31
CA LEU A 83 -6.23 -4.27 -29.74
C LEU A 83 -6.63 -5.20 -28.61
N ASN A 84 -5.68 -6.02 -28.17
CA ASN A 84 -6.00 -7.00 -27.15
C ASN A 84 -4.85 -7.20 -26.15
N ALA A 85 -3.92 -6.25 -26.11
CA ALA A 85 -2.73 -6.37 -25.25
C ALA A 85 -2.38 -5.09 -24.52
N ILE A 86 -1.92 -5.27 -23.29
CA ILE A 86 -1.46 -4.18 -22.41
C ILE A 86 -0.01 -4.51 -22.10
N VAL A 87 0.90 -3.55 -22.23
CA VAL A 87 2.26 -3.74 -21.73
C VAL A 87 2.46 -2.82 -20.53
N LYS A 88 2.72 -3.45 -19.40
CA LYS A 88 3.00 -2.71 -18.13
CA LYS A 88 3.01 -2.68 -18.15
C LYS A 88 4.46 -2.88 -17.55
N GLY A 89 5.05 -1.73 -17.25
CA GLY A 89 6.42 -1.78 -16.74
C GLY A 89 6.49 -2.19 -15.28
N LEU A 90 7.61 -2.81 -14.91
CA LEU A 90 7.87 -3.15 -13.52
C LEU A 90 9.09 -2.43 -12.99
N ARG A 91 9.00 -1.87 -11.79
CA ARG A 91 10.14 -1.21 -11.18
C ARG A 91 10.21 -1.61 -9.73
N THR A 92 11.28 -1.16 -9.05
CA THR A 92 11.36 -1.33 -7.61
C THR A 92 10.24 -0.54 -6.95
N GLY A 93 9.41 -1.22 -6.18
CA GLY A 93 8.28 -0.58 -5.55
C GLY A 93 6.95 -0.74 -6.26
N THR A 94 6.96 -1.39 -7.42
CA THR A 94 5.71 -1.72 -8.08
C THR A 94 4.84 -2.56 -7.16
N ASP A 95 3.56 -2.23 -7.07
CA ASP A 95 2.65 -3.14 -6.39
C ASP A 95 2.30 -4.27 -7.34
N PHE A 96 3.21 -5.24 -7.47
CA PHE A 96 3.02 -6.33 -8.46
C PHE A 96 1.81 -7.20 -8.15
N GLU A 97 1.50 -7.42 -6.88
CA GLU A 97 0.33 -8.26 -6.56
C GLU A 97 -0.95 -7.59 -7.05
N TYR A 98 -1.03 -6.27 -6.92
CA TYR A 98 -2.22 -5.54 -7.41
C TYR A 98 -2.22 -5.58 -8.94
N GLU A 99 -1.06 -5.40 -9.55
CA GLU A 99 -1.00 -5.48 -11.02
C GLU A 99 -1.47 -6.85 -11.52
N LEU A 100 -1.11 -7.91 -10.80
CA LEU A 100 -1.59 -9.24 -11.17
C LEU A 100 -3.09 -9.38 -11.03
N GLN A 101 -3.64 -8.87 -9.93
CA GLN A 101 -5.09 -8.90 -9.73
C GLN A 101 -5.81 -8.19 -10.87
N MET A 102 -5.32 -7.01 -11.24
CA MET A 102 -5.90 -6.27 -12.36
C MET A 102 -5.75 -7.00 -13.68
N ALA A 103 -4.59 -7.63 -13.89
CA ALA A 103 -4.39 -8.41 -15.10
C ALA A 103 -5.41 -9.53 -15.23
N GLN A 104 -5.65 -10.24 -14.13
CA GLN A 104 -6.61 -11.34 -14.15
C GLN A 104 -8.03 -10.80 -14.34
N MET A 105 -8.34 -9.71 -13.63
CA MET A 105 -9.65 -9.05 -13.84
C MET A 105 -9.82 -8.60 -15.30
N ASN A 106 -8.80 -7.96 -15.88
CA ASN A 106 -8.90 -7.45 -17.25
C ASN A 106 -9.05 -8.56 -18.28
N LYS A 107 -8.39 -9.69 -18.05
CA LYS A 107 -8.54 -10.84 -18.94
C LYS A 107 -9.96 -11.41 -18.86
N HIS A 108 -10.48 -11.50 -17.64
CA HIS A 108 -11.80 -12.05 -17.37
C HIS A 108 -12.93 -11.27 -18.03
N ILE A 109 -12.90 -9.95 -17.87
CA ILE A 109 -14.04 -9.14 -18.37
C ILE A 109 -13.92 -8.76 -19.83
N ALA A 110 -12.72 -8.88 -20.41
CA ALA A 110 -12.53 -8.38 -21.77
C ALA A 110 -11.61 -9.20 -22.65
N GLY A 111 -11.03 -10.27 -22.14
CA GLY A 111 -10.15 -11.13 -22.92
C GLY A 111 -8.80 -10.50 -23.26
N VAL A 112 -8.48 -9.38 -22.61
CA VAL A 112 -7.26 -8.65 -22.89
C VAL A 112 -6.09 -9.23 -22.10
N ASP A 113 -4.96 -9.43 -22.76
CA ASP A 113 -3.76 -9.97 -22.12
C ASP A 113 -2.85 -8.85 -21.61
N THR A 114 -2.13 -9.11 -20.52
CA THR A 114 -1.19 -8.13 -19.98
C THR A 114 0.22 -8.72 -19.96
N PHE A 115 1.16 -8.01 -20.57
CA PHE A 115 2.58 -8.39 -20.56
C PHE A 115 3.39 -7.45 -19.71
N PHE A 116 4.10 -8.00 -18.74
CA PHE A 116 4.89 -7.18 -17.84
C PHE A 116 6.34 -7.21 -18.27
N VAL A 117 7.01 -6.06 -18.21
CA VAL A 117 8.44 -6.03 -18.52
C VAL A 117 9.16 -5.13 -17.51
N ALA A 118 10.29 -5.63 -17.03
CA ALA A 118 11.03 -4.88 -16.01
C ALA A 118 11.84 -3.77 -16.67
N THR A 119 11.75 -2.55 -16.14
CA THR A 119 12.57 -1.47 -16.66
C THR A 119 14.03 -1.74 -16.32
N ALA A 120 14.94 -1.11 -17.05
CA ALA A 120 16.38 -1.25 -16.81
C ALA A 120 16.72 -0.89 -15.36
N PRO A 121 17.80 -1.49 -14.81
CA PRO A 121 18.19 -1.17 -13.44
C PRO A 121 18.38 0.33 -13.19
N ALA A 122 18.99 1.01 -14.15
CA ALA A 122 19.24 2.45 -14.02
C ALA A 122 17.96 3.25 -13.76
N TYR A 123 16.83 2.77 -14.29
CA TYR A 123 15.57 3.50 -14.19
C TYR A 123 14.61 2.78 -13.29
N SER A 124 15.11 1.83 -12.51
CA SER A 124 14.24 1.01 -11.69
C SER A 124 13.77 1.61 -10.35
N PHE A 125 14.29 2.77 -9.93
CA PHE A 125 13.85 3.31 -8.65
C PHE A 125 13.16 4.67 -8.83
N VAL A 126 12.99 5.11 -10.07
CA VAL A 126 12.26 6.37 -10.27
C VAL A 126 10.78 6.05 -10.43
N SER A 127 9.93 6.91 -9.90
CA SER A 127 8.50 6.83 -10.13
C SER A 127 8.02 8.27 -10.27
N SER A 128 6.85 8.48 -10.86
CA SER A 128 6.38 9.87 -10.98
C SER A 128 6.25 10.55 -9.63
N SER A 129 5.62 9.88 -8.67
CA SER A 129 5.40 10.48 -7.32
C SER A 129 6.72 10.71 -6.58
N LEU A 130 7.62 9.75 -6.62
CA LEU A 130 8.86 9.93 -5.85
C LEU A 130 9.73 11.01 -6.48
N ALA A 131 9.67 11.12 -7.80
CA ALA A 131 10.44 12.13 -8.50
C ALA A 131 9.93 13.53 -8.18
N LYS A 132 8.61 13.71 -8.15
CA LYS A 132 8.03 15.00 -7.75
C LYS A 132 8.39 15.33 -6.31
N GLU A 133 8.33 14.33 -5.42
CA GLU A 133 8.66 14.57 -4.02
C GLU A 133 10.10 15.01 -3.86
N VAL A 134 11.04 14.27 -4.47
CA VAL A 134 12.46 14.61 -4.34
C VAL A 134 12.73 16.01 -4.92
N ALA A 135 12.10 16.31 -6.04
CA ALA A 135 12.33 17.57 -6.71
C ALA A 135 11.75 18.73 -5.90
N THR A 136 10.66 18.45 -5.17
CA THR A 136 10.02 19.47 -4.34
C THR A 136 10.97 19.96 -3.25
N TYR A 137 11.89 19.10 -2.82
CA TYR A 137 12.82 19.50 -1.78
C TYR A 137 14.24 19.71 -2.29
N GLY A 138 14.37 19.97 -3.58
CA GLY A 138 15.65 20.36 -4.16
C GLY A 138 16.55 19.24 -4.69
N GLY A 139 16.12 18.00 -4.54
CA GLY A 139 16.92 16.87 -4.99
C GLY A 139 17.04 16.79 -6.51
N ASP A 140 18.21 16.38 -6.98
CA ASP A 140 18.48 16.32 -8.41
C ASP A 140 17.95 15.01 -8.99
N VAL A 141 16.87 15.10 -9.76
CA VAL A 141 16.32 13.92 -10.44
C VAL A 141 16.49 14.02 -11.95
N SER A 142 17.37 14.91 -12.39
CA SER A 142 17.53 15.19 -13.81
C SER A 142 17.94 13.96 -14.62
N ALA A 143 18.70 13.06 -14.01
CA ALA A 143 19.16 11.86 -14.70
C ALA A 143 18.06 10.80 -14.81
N LEU A 144 16.92 11.02 -14.18
CA LEU A 144 15.86 10.02 -14.13
C LEU A 144 14.63 10.38 -14.96
N LEU A 145 14.66 11.57 -15.57
CA LEU A 145 13.54 12.04 -16.39
C LEU A 145 14.02 12.49 -17.75
N PRO A 146 13.19 12.32 -18.78
CA PRO A 146 13.59 12.85 -20.09
C PRO A 146 13.64 14.39 -20.09
N ALA A 147 14.45 14.93 -21.00
CA ALA A 147 14.69 16.38 -21.07
C ALA A 147 13.40 17.20 -21.18
N SER A 148 12.36 16.63 -21.80
CA SER A 148 11.11 17.36 -22.00
C SER A 148 10.37 17.59 -20.68
N VAL A 149 10.88 16.99 -19.61
CA VAL A 149 10.18 16.97 -18.33
C VAL A 149 10.83 17.82 -17.25
N HIS A 150 12.16 17.80 -17.19
CA HIS A 150 12.88 18.34 -16.04
C HIS A 150 12.59 19.81 -15.79
N GLN A 151 12.71 20.60 -16.85
CA GLN A 151 12.41 22.02 -16.84
C GLN A 151 10.98 22.27 -16.33
N ARG A 152 10.00 21.75 -17.06
CA ARG A 152 8.58 21.89 -16.72
C ARG A 152 8.28 21.54 -15.27
N LEU A 153 8.89 20.46 -14.79
CA LEU A 153 8.69 20.04 -13.40
C LEU A 153 9.16 21.13 -12.43
N LEU A 154 10.35 21.67 -12.64
CA LEU A 154 10.89 22.68 -11.72
C LEU A 154 10.06 23.97 -11.79
N GLY A 155 9.51 24.24 -12.96
CA GLY A 155 8.62 25.36 -13.17
C GLY A 155 7.35 25.22 -12.36
N LYS A 156 6.71 24.06 -12.43
CA LYS A 156 5.54 23.80 -11.62
C LYS A 156 5.82 23.99 -10.14
N LEU A 157 6.96 23.49 -9.69
CA LEU A 157 7.28 23.55 -8.26
C LEU A 157 7.53 24.97 -7.79
N ARG A 158 8.20 25.77 -8.61
CA ARG A 158 8.41 27.18 -8.29
C ARG A 158 7.30 28.06 -8.86
N MET B 2 35.92 8.32 12.34
CA MET B 2 34.76 8.28 13.23
C MET B 2 33.49 7.97 12.45
N THR B 3 32.62 7.14 13.04
CA THR B 3 31.47 6.59 12.34
C THR B 3 30.16 7.16 12.86
N GLY B 4 29.10 7.03 12.05
CA GLY B 4 27.80 7.54 12.42
C GLY B 4 26.68 7.16 11.46
N ALA B 5 25.47 7.10 11.99
CA ALA B 5 24.27 6.88 11.17
C ALA B 5 23.12 7.74 11.65
N VAL B 6 22.15 7.96 10.76
CA VAL B 6 20.90 8.63 11.08
C VAL B 6 19.77 7.61 11.11
N CYS B 7 18.98 7.62 12.17
CA CYS B 7 17.76 6.81 12.23
C CYS B 7 16.52 7.68 12.02
N PRO B 8 15.98 7.71 10.80
CA PRO B 8 14.86 8.60 10.47
C PRO B 8 13.49 7.96 10.68
N GLY B 9 12.48 8.79 10.82
CA GLY B 9 11.12 8.32 11.04
C GLY B 9 10.18 9.41 11.53
N SER B 10 8.90 9.08 11.60
CA SER B 10 7.91 10.02 12.13
CA SER B 10 7.89 10.00 12.12
C SER B 10 7.72 9.80 13.63
N PHE B 11 8.04 8.58 14.08
CA PHE B 11 7.97 8.17 15.50
C PHE B 11 6.79 8.80 16.23
N ASP B 12 5.59 8.42 15.80
CA ASP B 12 4.36 9.01 16.32
C ASP B 12 3.41 7.99 16.93
N PRO B 13 3.77 7.44 18.10
CA PRO B 13 4.98 7.65 18.90
C PRO B 13 6.06 6.60 18.61
N VAL B 14 7.22 6.77 19.25
CA VAL B 14 8.28 5.78 19.20
C VAL B 14 7.78 4.48 19.80
N THR B 15 8.16 3.35 19.21
CA THR B 15 7.78 2.05 19.73
C THR B 15 9.02 1.28 20.21
N LEU B 16 8.80 0.14 20.86
CA LEU B 16 9.93 -0.65 21.30
C LEU B 16 10.67 -1.22 20.09
N GLY B 17 9.96 -1.31 18.95
CA GLY B 17 10.57 -1.75 17.71
C GLY B 17 11.60 -0.74 17.24
N HIS B 18 11.25 0.55 17.33
CA HIS B 18 12.17 1.61 16.94
C HIS B 18 13.36 1.65 17.91
N LEU B 19 13.06 1.47 19.19
CA LEU B 19 14.08 1.52 20.23
C LEU B 19 15.11 0.40 20.07
N ASP B 20 14.63 -0.78 19.70
CA ASP B 20 15.52 -1.91 19.38
C ASP B 20 16.53 -1.50 18.31
N VAL B 21 16.03 -0.94 17.21
CA VAL B 21 16.87 -0.41 16.14
C VAL B 21 17.86 0.67 16.61
N PHE B 22 17.36 1.63 17.38
CA PHE B 22 18.21 2.67 17.94
C PHE B 22 19.38 2.06 18.73
N GLU B 23 19.08 1.07 19.56
CA GLU B 23 20.08 0.45 20.43
C GLU B 23 21.13 -0.27 19.62
N ARG B 24 20.71 -0.93 18.55
CA ARG B 24 21.67 -1.65 17.75
C ARG B 24 22.55 -0.70 16.96
N ALA B 25 21.96 0.37 16.44
CA ALA B 25 22.76 1.40 15.78
C ALA B 25 23.75 2.04 16.78
N ALA B 26 23.24 2.41 17.96
CA ALA B 26 24.07 3.05 18.99
C ALA B 26 25.22 2.14 19.41
N ALA B 27 24.98 0.83 19.35
CA ALA B 27 26.00 -0.12 19.79
C ALA B 27 27.11 -0.25 18.76
N GLN B 28 26.79 -0.03 17.49
CA GLN B 28 27.77 -0.21 16.42
C GLN B 28 28.48 1.09 16.00
N PHE B 29 27.73 2.18 15.85
CA PHE B 29 28.29 3.44 15.34
C PHE B 29 28.72 4.38 16.49
N ASP B 30 29.71 5.22 16.23
CA ASP B 30 30.21 6.16 17.24
C ASP B 30 29.14 7.17 17.62
N GLU B 31 28.32 7.51 16.64
CA GLU B 31 27.32 8.56 16.77
C GLU B 31 26.04 8.16 16.04
N VAL B 32 24.90 8.28 16.72
CA VAL B 32 23.60 8.10 16.09
C VAL B 32 22.75 9.36 16.29
N ILE B 33 22.09 9.79 15.22
CA ILE B 33 21.13 10.87 15.30
C ILE B 33 19.76 10.32 14.90
N VAL B 34 18.80 10.43 15.80
CA VAL B 34 17.42 10.09 15.47
C VAL B 34 16.75 11.29 14.85
N ALA B 35 16.33 11.16 13.59
CA ALA B 35 15.71 12.28 12.89
C ALA B 35 14.20 12.15 12.86
N VAL B 36 13.54 13.07 13.55
CA VAL B 36 12.10 13.12 13.61
C VAL B 36 11.57 14.00 12.48
N LEU B 37 11.23 13.35 11.37
CA LEU B 37 10.79 14.05 10.15
C LEU B 37 9.27 14.14 10.11
N ILE B 38 8.77 15.35 9.89
CA ILE B 38 7.36 15.67 10.14
C ILE B 38 6.56 15.89 8.87
N ASN B 39 5.24 15.87 9.02
CA ASN B 39 4.32 15.92 7.89
C ASN B 39 3.27 17.01 8.06
N ALA B 43 0.31 15.67 9.63
CA ALA B 43 -0.36 15.76 10.92
C ALA B 43 -0.38 14.41 11.64
N GLY B 44 -0.16 14.44 12.95
CA GLY B 44 -0.11 13.22 13.73
C GLY B 44 -0.85 13.35 15.05
N MET B 45 -0.55 12.44 15.97
CA MET B 45 -1.16 12.48 17.30
C MET B 45 -0.30 13.31 18.25
N PHE B 46 1.02 13.19 18.12
CA PHE B 46 1.93 13.98 18.94
C PHE B 46 2.65 15.06 18.14
N THR B 47 2.93 16.18 18.82
CA THR B 47 3.75 17.24 18.23
C THR B 47 5.18 16.75 18.04
N VAL B 48 5.95 17.45 17.21
CA VAL B 48 7.38 17.18 17.08
C VAL B 48 8.09 17.15 18.43
N ASP B 49 7.89 18.18 19.25
CA ASP B 49 8.59 18.24 20.51
C ASP B 49 8.17 17.10 21.46
N GLU B 50 6.89 16.74 21.39
CA GLU B 50 6.40 15.64 22.20
C GLU B 50 7.04 14.33 21.76
N ARG B 51 7.19 14.16 20.44
CA ARG B 51 7.85 12.96 19.89
C ARG B 51 9.32 12.90 20.31
N ILE B 52 10.01 14.02 20.18
CA ILE B 52 11.41 14.15 20.56
C ILE B 52 11.63 13.86 22.04
N GLU B 53 10.77 14.40 22.90
CA GLU B 53 10.88 14.18 24.34
C GLU B 53 10.75 12.68 24.66
N MET B 54 9.83 12.02 23.98
CA MET B 54 9.53 10.62 24.21
C MET B 54 10.71 9.73 23.80
N ILE B 55 11.35 10.11 22.70
CA ILE B 55 12.53 9.37 22.22
C ILE B 55 13.72 9.58 23.18
N ARG B 56 13.94 10.84 23.58
CA ARG B 56 15.00 11.16 24.53
C ARG B 56 14.88 10.37 25.81
N GLU B 57 13.67 10.30 26.37
CA GLU B 57 13.44 9.52 27.58
C GLU B 57 13.66 8.02 27.34
N SER B 58 13.19 7.51 26.20
CA SER B 58 13.38 6.10 25.88
C SER B 58 14.84 5.72 25.64
N THR B 59 15.65 6.68 25.20
CA THR B 59 17.05 6.42 24.86
C THR B 59 17.99 7.06 25.89
N ALA B 60 17.51 7.13 27.12
CA ALA B 60 18.28 7.80 28.18
C ALA B 60 19.61 7.11 28.41
N ASP B 61 19.66 5.78 28.22
CA ASP B 61 20.90 5.07 28.53
C ASP B 61 21.82 4.93 27.32
N LEU B 62 21.50 5.65 26.25
CA LEU B 62 22.32 5.66 25.05
C LEU B 62 23.02 7.01 24.93
N PRO B 63 24.24 7.11 25.48
CA PRO B 63 24.90 8.42 25.55
C PRO B 63 25.34 8.96 24.20
N ASN B 64 25.47 8.09 23.19
N ASN B 64 25.47 8.09 23.19
CA ASN B 64 25.96 8.52 21.89
CA ASN B 64 25.96 8.50 21.89
C ASN B 64 24.84 8.69 20.87
C ASN B 64 24.84 8.70 20.87
N LEU B 65 23.61 8.72 21.35
CA LEU B 65 22.44 8.98 20.49
C LEU B 65 21.81 10.30 20.88
N ARG B 66 21.51 11.11 19.86
CA ARG B 66 20.74 12.32 20.11
C ARG B 66 19.55 12.37 19.15
N VAL B 67 18.61 13.25 19.46
CA VAL B 67 17.36 13.36 18.71
C VAL B 67 17.20 14.78 18.19
N GLU B 68 16.93 14.94 16.91
CA GLU B 68 16.66 16.26 16.32
C GLU B 68 15.45 16.18 15.38
N SER B 69 14.78 17.31 15.19
CA SER B 69 13.73 17.40 14.20
C SER B 69 14.36 17.63 12.85
N GLY B 70 13.63 17.26 11.79
CA GLY B 70 14.13 17.53 10.47
C GLY B 70 13.01 17.92 9.53
N GLN B 71 13.38 18.69 8.53
CA GLN B 71 12.51 19.01 7.41
C GLN B 71 13.36 19.03 6.17
N GLY B 72 12.72 18.91 5.01
CA GLY B 72 13.46 18.86 3.77
C GLY B 72 13.82 17.42 3.43
N LEU B 73 14.74 17.26 2.48
CA LEU B 73 15.22 15.95 2.07
C LEU B 73 15.95 15.25 3.22
N LEU B 74 15.72 13.95 3.39
CA LEU B 74 16.43 13.21 4.42
C LEU B 74 17.94 13.24 4.16
N VAL B 75 18.35 13.07 2.90
CA VAL B 75 19.76 13.00 2.58
C VAL B 75 20.47 14.33 2.86
N ASP B 76 19.72 15.43 2.82
CA ASP B 76 20.30 16.71 3.21
C ASP B 76 20.54 16.72 4.71
N PHE B 77 19.55 16.33 5.48
CA PHE B 77 19.71 16.28 6.95
C PHE B 77 20.94 15.44 7.30
N VAL B 78 21.14 14.34 6.57
CA VAL B 78 22.26 13.41 6.85
C VAL B 78 23.61 14.03 6.48
N ARG B 79 23.74 14.56 5.27
CA ARG B 79 25.05 15.08 4.81
C ARG B 79 25.41 16.39 5.49
N GLU B 80 24.42 17.12 5.98
CA GLU B 80 24.67 18.40 6.70
C GLU B 80 25.28 18.13 8.08
N ARG B 81 25.07 16.93 8.63
CA ARG B 81 25.65 16.55 9.93
C ARG B 81 26.94 15.76 9.69
N GLY B 82 27.45 15.76 8.47
CA GLY B 82 28.72 15.12 8.21
C GLY B 82 28.68 13.60 8.08
N LEU B 83 27.49 13.05 7.91
CA LEU B 83 27.32 11.60 7.83
C LEU B 83 26.87 11.18 6.43
N ASN B 84 26.79 9.88 6.20
CA ASN B 84 26.31 9.41 4.90
CA ASN B 84 26.51 9.33 4.89
C ASN B 84 25.78 7.98 4.98
N ALA B 85 25.20 7.67 6.14
CA ALA B 85 24.47 6.42 6.33
C ALA B 85 23.14 6.61 7.06
N ILE B 86 22.15 5.86 6.61
CA ILE B 86 20.83 5.76 7.21
C ILE B 86 20.67 4.36 7.74
N VAL B 87 20.13 4.21 8.95
CA VAL B 87 19.77 2.90 9.45
C VAL B 87 18.26 2.84 9.63
N LYS B 88 17.62 1.90 8.95
CA LYS B 88 16.16 1.72 8.99
C LYS B 88 15.79 0.33 9.51
N GLY B 89 14.77 0.27 10.36
CA GLY B 89 14.30 -0.99 10.88
C GLY B 89 13.31 -1.69 9.96
N LEU B 90 13.28 -3.01 10.06
CA LEU B 90 12.32 -3.85 9.37
C LEU B 90 11.42 -4.61 10.35
N ARG B 91 10.12 -4.57 10.11
CA ARG B 91 9.18 -5.35 10.91
C ARG B 91 8.20 -6.06 9.99
N THR B 92 7.33 -6.89 10.57
CA THR B 92 6.22 -7.46 9.83
C THR B 92 5.33 -6.30 9.37
N GLY B 93 5.14 -6.19 8.05
CA GLY B 93 4.29 -5.17 7.43
C GLY B 93 5.05 -3.95 6.92
N THR B 94 6.36 -3.99 6.97
CA THR B 94 7.20 -2.81 6.63
C THR B 94 7.04 -2.15 5.25
N ASP B 95 6.73 -2.87 4.18
CA ASP B 95 6.74 -2.32 2.78
C ASP B 95 8.20 -2.14 2.38
N PHE B 96 8.90 -3.25 2.33
CA PHE B 96 10.35 -3.27 2.03
C PHE B 96 10.62 -2.82 0.59
N GLU B 97 9.68 -3.09 -0.31
CA GLU B 97 9.90 -2.66 -1.71
C GLU B 97 9.99 -1.13 -1.77
N TYR B 98 9.15 -0.43 -1.03
CA TYR B 98 9.20 1.04 -1.01
C TYR B 98 10.52 1.50 -0.35
N GLU B 99 10.90 0.84 0.74
CA GLU B 99 12.17 1.16 1.38
C GLU B 99 13.33 1.00 0.41
N LEU B 100 13.34 -0.11 -0.35
CA LEU B 100 14.40 -0.31 -1.33
C LEU B 100 14.40 0.78 -2.38
N GLN B 101 13.20 1.18 -2.86
CA GLN B 101 13.14 2.25 -3.83
C GLN B 101 13.73 3.54 -3.24
N MET B 102 13.34 3.88 -2.01
CA MET B 102 13.89 5.07 -1.35
C MET B 102 15.39 4.93 -1.12
N ALA B 103 15.84 3.74 -0.75
CA ALA B 103 17.28 3.59 -0.53
C ALA B 103 18.04 3.82 -1.81
N GLN B 104 17.56 3.29 -2.93
CA GLN B 104 18.27 3.46 -4.19
C GLN B 104 18.21 4.91 -4.65
N MET B 105 17.07 5.57 -4.44
CA MET B 105 16.95 7.00 -4.77
C MET B 105 17.94 7.81 -3.94
N ASN B 106 17.92 7.61 -2.62
CA ASN B 106 18.85 8.34 -1.74
C ASN B 106 20.33 8.12 -2.06
N LYS B 107 20.72 6.91 -2.48
CA LYS B 107 22.09 6.69 -2.93
C LYS B 107 22.37 7.46 -4.22
N HIS B 108 21.42 7.41 -5.15
CA HIS B 108 21.62 8.07 -6.44
C HIS B 108 21.79 9.57 -6.29
N ILE B 109 20.96 10.20 -5.46
CA ILE B 109 20.97 11.65 -5.43
C ILE B 109 21.98 12.23 -4.45
N ALA B 110 22.59 11.41 -3.60
CA ALA B 110 23.43 12.03 -2.55
C ALA B 110 24.56 11.14 -2.04
N GLY B 111 24.61 9.90 -2.51
CA GLY B 111 25.70 8.99 -2.16
C GLY B 111 25.55 8.38 -0.78
N VAL B 112 24.39 8.60 -0.17
CA VAL B 112 24.05 8.11 1.16
C VAL B 112 23.67 6.63 1.11
N ASP B 113 24.22 5.83 2.01
CA ASP B 113 23.92 4.40 2.08
C ASP B 113 22.80 4.14 3.07
N THR B 114 22.01 3.10 2.84
CA THR B 114 20.98 2.69 3.81
C THR B 114 21.21 1.25 4.26
N PHE B 115 21.30 1.08 5.57
CA PHE B 115 21.45 -0.25 6.17
C PHE B 115 20.16 -0.61 6.87
N PHE B 116 19.65 -1.79 6.59
CA PHE B 116 18.40 -2.27 7.19
C PHE B 116 18.67 -3.29 8.27
N VAL B 117 17.92 -3.23 9.37
CA VAL B 117 18.06 -4.22 10.44
C VAL B 117 16.72 -4.71 10.92
N ALA B 118 16.59 -6.02 11.04
CA ALA B 118 15.33 -6.60 11.52
C ALA B 118 15.19 -6.37 13.02
N THR B 119 14.05 -5.82 13.43
CA THR B 119 13.77 -5.68 14.84
C THR B 119 13.55 -7.07 15.46
N ALA B 120 13.73 -7.18 16.78
CA ALA B 120 13.58 -8.47 17.46
C ALA B 120 12.17 -9.00 17.29
N PRO B 121 12.00 -10.33 17.26
CA PRO B 121 10.68 -10.95 17.11
C PRO B 121 9.58 -10.40 18.04
N ALA B 122 9.88 -10.23 19.32
CA ALA B 122 8.90 -9.70 20.28
C ALA B 122 8.33 -8.34 19.86
N TYR B 123 9.12 -7.55 19.14
CA TYR B 123 8.73 -6.19 18.76
C TYR B 123 8.41 -6.10 17.27
N SER B 124 8.25 -7.25 16.63
CA SER B 124 8.15 -7.23 15.17
C SER B 124 6.75 -7.00 14.61
N PHE B 125 5.73 -6.93 15.46
CA PHE B 125 4.38 -6.67 14.93
C PHE B 125 3.78 -5.35 15.40
N VAL B 126 4.53 -4.59 16.18
CA VAL B 126 4.04 -3.29 16.61
C VAL B 126 4.48 -2.23 15.59
N SER B 127 3.53 -1.37 15.23
CA SER B 127 3.84 -0.19 14.45
C SER B 127 3.18 0.94 15.21
N SER B 128 3.62 2.17 14.95
CA SER B 128 2.99 3.33 15.60
C SER B 128 1.49 3.38 15.30
N SER B 129 1.13 3.23 14.03
CA SER B 129 -0.28 3.31 13.62
C SER B 129 -1.14 2.23 14.26
N LEU B 130 -0.67 0.98 14.24
CA LEU B 130 -1.43 -0.12 14.79
C LEU B 130 -1.53 -0.04 16.32
N ALA B 131 -0.48 0.41 16.99
CA ALA B 131 -0.53 0.54 18.43
C ALA B 131 -1.55 1.61 18.83
N LYS B 132 -1.55 2.73 18.10
CA LYS B 132 -2.53 3.77 18.35
C LYS B 132 -3.95 3.24 18.13
N GLU B 133 -4.16 2.51 17.04
CA GLU B 133 -5.50 2.02 16.70
C GLU B 133 -6.00 1.02 17.74
N VAL B 134 -5.11 0.16 18.18
CA VAL B 134 -5.45 -0.80 19.24
C VAL B 134 -5.73 -0.07 20.56
N ALA B 135 -4.89 0.88 20.94
CA ALA B 135 -5.05 1.61 22.19
C ALA B 135 -6.35 2.40 22.18
N THR B 136 -6.63 3.00 21.03
CA THR B 136 -7.86 3.74 20.77
C THR B 136 -9.10 2.96 21.21
N TYR B 137 -9.14 1.68 20.86
CA TYR B 137 -10.31 0.86 21.14
C TYR B 137 -10.16 0.01 22.38
N GLY B 138 -9.24 0.41 23.26
CA GLY B 138 -9.11 -0.20 24.57
C GLY B 138 -8.26 -1.46 24.65
N GLY B 139 -7.31 -1.58 23.72
CA GLY B 139 -6.37 -2.69 23.76
C GLY B 139 -5.14 -2.32 24.56
N ASP B 140 -4.55 -3.31 25.21
CA ASP B 140 -3.36 -3.09 26.03
C ASP B 140 -2.08 -3.28 25.21
N VAL B 141 -1.48 -2.17 24.81
CA VAL B 141 -0.23 -2.21 24.06
C VAL B 141 0.95 -1.71 24.90
N SER B 142 0.88 -1.95 26.21
CA SER B 142 1.89 -1.45 27.13
C SER B 142 3.23 -2.16 26.92
N ALA B 143 3.16 -3.44 26.60
CA ALA B 143 4.35 -4.27 26.45
C ALA B 143 5.07 -4.03 25.11
N LEU B 144 4.49 -3.17 24.29
CA LEU B 144 5.00 -2.91 22.95
C LEU B 144 5.57 -1.50 22.84
N LEU B 145 5.37 -0.70 23.88
CA LEU B 145 5.83 0.68 23.87
C LEU B 145 6.67 0.96 25.11
N PRO B 146 7.60 1.92 25.01
CA PRO B 146 8.36 2.27 26.22
C PRO B 146 7.43 2.88 27.26
N ALA B 147 7.72 2.65 28.54
CA ALA B 147 6.85 3.09 29.64
C ALA B 147 6.53 4.57 29.56
N SER B 148 7.52 5.37 29.18
CA SER B 148 7.32 6.80 28.98
C SER B 148 6.16 7.06 28.01
N VAL B 149 6.08 6.26 26.96
CA VAL B 149 5.11 6.50 25.90
C VAL B 149 3.70 6.05 26.25
N HIS B 150 3.58 4.91 26.92
CA HIS B 150 2.27 4.32 27.18
C HIS B 150 1.34 5.26 27.96
N GLN B 151 1.91 5.97 28.92
CA GLN B 151 1.15 6.93 29.72
C GLN B 151 0.75 8.14 28.88
N ARG B 152 1.72 8.74 28.19
CA ARG B 152 1.48 9.94 27.37
C ARG B 152 0.54 9.67 26.21
N LEU B 153 0.40 8.40 25.82
CA LEU B 153 -0.50 8.00 24.74
C LEU B 153 -1.94 7.89 25.23
N LEU B 154 -2.14 7.05 26.24
CA LEU B 154 -3.45 6.86 26.85
C LEU B 154 -3.97 8.17 27.45
N GLY B 155 -3.04 9.03 27.81
CA GLY B 155 -3.37 10.34 28.37
C GLY B 155 -3.65 11.34 27.28
N LYS B 156 -3.66 10.88 26.03
CA LYS B 156 -3.97 11.74 24.86
C LYS B 156 -5.25 11.21 24.24
N LEU B 157 -5.60 9.97 24.53
CA LEU B 157 -6.85 9.37 23.99
C LEU B 157 -8.02 10.04 24.70
N ARG B 158 -7.79 10.50 25.93
CA ARG B 158 -8.82 11.18 26.70
C ARG B 158 -8.79 12.69 26.44
N MET C 2 -17.86 -27.94 20.49
CA MET C 2 -18.24 -26.53 20.46
C MET C 2 -17.11 -25.65 19.92
N THR C 3 -16.64 -25.97 18.71
CA THR C 3 -15.61 -25.17 18.05
C THR C 3 -16.26 -24.01 17.31
N GLY C 4 -15.50 -22.97 17.03
CA GLY C 4 -16.06 -21.80 16.36
C GLY C 4 -15.03 -20.84 15.80
N ALA C 5 -15.44 -20.08 14.79
CA ALA C 5 -14.57 -19.07 14.17
C ALA C 5 -15.37 -17.85 13.71
N VAL C 6 -14.70 -16.70 13.65
CA VAL C 6 -15.30 -15.45 13.18
C VAL C 6 -14.64 -15.03 11.87
N CYS C 7 -15.46 -14.68 10.87
CA CYS C 7 -14.98 -14.22 9.57
C CYS C 7 -15.28 -12.74 9.40
N PRO C 8 -14.28 -11.89 9.65
CA PRO C 8 -14.41 -10.42 9.66
C PRO C 8 -14.17 -9.77 8.30
N GLY C 9 -14.67 -8.56 8.15
CA GLY C 9 -14.50 -7.80 6.92
C GLY C 9 -15.46 -6.63 6.86
N SER C 10 -15.35 -5.81 5.82
CA SER C 10 -16.29 -4.72 5.62
C SER C 10 -17.41 -5.17 4.68
N PHE C 11 -17.09 -6.14 3.82
CA PHE C 11 -18.04 -6.75 2.88
C PHE C 11 -18.91 -5.71 2.17
N ASP C 12 -18.22 -4.84 1.41
CA ASP C 12 -18.79 -3.63 0.82
C ASP C 12 -18.70 -3.66 -0.71
N PRO C 13 -19.39 -4.59 -1.38
CA PRO C 13 -20.24 -5.70 -0.92
C PRO C 13 -19.48 -7.01 -0.72
N VAL C 14 -20.22 -8.05 -0.35
CA VAL C 14 -19.68 -9.40 -0.22
C VAL C 14 -19.46 -10.03 -1.60
N THR C 15 -18.29 -10.64 -1.79
CA THR C 15 -17.98 -11.24 -3.07
C THR C 15 -18.06 -12.77 -3.01
N LEU C 16 -17.94 -13.41 -4.16
CA LEU C 16 -17.91 -14.87 -4.20
C LEU C 16 -16.62 -15.40 -3.56
N GLY C 17 -15.59 -14.56 -3.54
CA GLY C 17 -14.37 -14.88 -2.83
C GLY C 17 -14.66 -15.03 -1.35
N HIS C 18 -15.43 -14.09 -0.82
CA HIS C 18 -15.82 -14.06 0.58
C HIS C 18 -16.71 -15.26 0.92
N LEU C 19 -17.66 -15.56 0.04
CA LEU C 19 -18.57 -16.67 0.28
C LEU C 19 -17.84 -18.01 0.36
N ASP C 20 -16.92 -18.22 -0.58
CA ASP C 20 -16.09 -19.42 -0.60
C ASP C 20 -15.42 -19.64 0.76
N VAL C 21 -14.91 -18.56 1.37
CA VAL C 21 -14.28 -18.67 2.68
C VAL C 21 -15.30 -19.00 3.76
N PHE C 22 -16.46 -18.34 3.70
CA PHE C 22 -17.57 -18.60 4.60
C PHE C 22 -17.91 -20.09 4.60
N GLU C 23 -17.97 -20.68 3.41
CA GLU C 23 -18.37 -22.07 3.25
C GLU C 23 -17.36 -23.04 3.85
N ARG C 24 -16.08 -22.80 3.59
CA ARG C 24 -15.02 -23.65 4.10
C ARG C 24 -14.97 -23.60 5.61
N ALA C 25 -15.13 -22.41 6.17
CA ALA C 25 -15.16 -22.21 7.62
C ALA C 25 -16.33 -22.97 8.24
N ALA C 26 -17.50 -22.88 7.61
CA ALA C 26 -18.70 -23.55 8.11
C ALA C 26 -18.56 -25.07 8.06
N ALA C 27 -17.80 -25.57 7.10
CA ALA C 27 -17.56 -27.00 6.95
C ALA C 27 -16.46 -27.53 7.88
N GLN C 28 -15.81 -26.65 8.64
CA GLN C 28 -14.68 -27.06 9.48
C GLN C 28 -14.82 -26.63 10.93
N PHE C 29 -15.74 -25.73 11.21
CA PHE C 29 -16.03 -25.32 12.57
C PHE C 29 -17.49 -25.57 12.87
N ASP C 30 -17.81 -25.76 14.15
CA ASP C 30 -19.19 -26.03 14.55
C ASP C 30 -20.05 -24.81 14.27
N GLU C 31 -19.52 -23.64 14.60
CA GLU C 31 -20.27 -22.39 14.53
C GLU C 31 -19.42 -21.28 13.90
N VAL C 32 -20.03 -20.51 13.00
CA VAL C 32 -19.33 -19.43 12.31
C VAL C 32 -20.12 -18.12 12.41
N ILE C 33 -19.42 -17.03 12.69
CA ILE C 33 -20.04 -15.71 12.75
C ILE C 33 -19.35 -14.71 11.83
N VAL C 34 -20.00 -14.38 10.72
CA VAL C 34 -19.50 -13.34 9.84
C VAL C 34 -19.65 -11.99 10.54
N ALA C 35 -18.52 -11.33 10.79
CA ALA C 35 -18.51 -10.03 11.46
C ALA C 35 -18.37 -8.89 10.46
N VAL C 36 -19.44 -8.09 10.33
CA VAL C 36 -19.40 -6.95 9.43
C VAL C 36 -18.96 -5.72 10.20
N LEU C 37 -17.68 -5.41 10.13
CA LEU C 37 -17.10 -4.32 10.90
C LEU C 37 -17.22 -2.98 10.19
N ILE C 38 -18.19 -2.17 10.63
CA ILE C 38 -18.39 -0.83 10.09
C ILE C 38 -17.18 0.06 10.35
N ASN C 39 -17.04 1.12 9.55
CA ASN C 39 -15.89 2.01 9.67
C ASN C 39 -16.16 3.40 9.09
N ALA C 43 -19.75 5.99 5.80
CA ALA C 43 -20.22 4.73 5.25
C ALA C 43 -19.31 4.27 4.12
N GLY C 44 -19.84 3.39 3.28
CA GLY C 44 -19.19 2.99 2.05
C GLY C 44 -20.25 3.04 0.97
N MET C 45 -20.26 2.08 0.06
CA MET C 45 -21.31 2.04 -0.94
C MET C 45 -22.62 1.55 -0.33
N PHE C 46 -22.53 0.71 0.69
CA PHE C 46 -23.72 0.16 1.33
C PHE C 46 -23.83 0.55 2.81
N THR C 47 -25.06 0.51 3.33
CA THR C 47 -25.27 0.60 4.77
C THR C 47 -24.94 -0.75 5.38
N VAL C 48 -24.56 -0.74 6.65
CA VAL C 48 -24.27 -1.99 7.36
C VAL C 48 -25.46 -2.93 7.26
N ASP C 49 -26.66 -2.36 7.41
CA ASP C 49 -27.89 -3.15 7.40
C ASP C 49 -28.07 -3.98 6.13
N GLU C 50 -27.63 -3.45 4.99
CA GLU C 50 -27.83 -4.16 3.73
C GLU C 50 -26.63 -5.01 3.35
N ARG C 51 -25.46 -4.70 3.92
CA ARG C 51 -24.33 -5.60 3.79
C ARG C 51 -24.71 -6.93 4.41
N ILE C 52 -25.36 -6.84 5.58
CA ILE C 52 -25.79 -8.00 6.32
C ILE C 52 -26.83 -8.82 5.57
N GLU C 53 -27.82 -8.14 4.99
CA GLU C 53 -28.86 -8.81 4.20
C GLU C 53 -28.26 -9.61 3.05
N MET C 54 -27.35 -8.98 2.30
CA MET C 54 -26.72 -9.65 1.17
C MET C 54 -25.94 -10.90 1.58
N ILE C 55 -25.29 -10.84 2.74
CA ILE C 55 -24.56 -11.99 3.27
C ILE C 55 -25.54 -13.08 3.72
N ARG C 56 -26.56 -12.67 4.47
CA ARG C 56 -27.60 -13.59 4.92
C ARG C 56 -28.29 -14.28 3.73
N GLU C 57 -28.59 -13.50 2.70
CA GLU C 57 -29.21 -14.03 1.48
C GLU C 57 -28.29 -15.05 0.81
N SER C 58 -27.00 -14.74 0.72
CA SER C 58 -26.06 -15.65 0.01
C SER C 58 -25.68 -16.83 0.90
N THR C 59 -25.92 -16.72 2.20
CA THR C 59 -25.54 -17.82 3.12
C THR C 59 -26.73 -18.40 3.87
N ALA C 60 -27.93 -18.34 3.30
CA ALA C 60 -29.12 -18.90 4.00
C ALA C 60 -28.99 -20.42 4.14
N ASP C 61 -28.33 -21.08 3.17
CA ASP C 61 -28.00 -22.53 3.09
C ASP C 61 -26.89 -22.94 4.08
N LEU C 62 -26.29 -22.03 4.82
CA LEU C 62 -25.28 -22.41 5.82
C LEU C 62 -25.95 -22.27 7.18
N PRO C 63 -26.41 -23.40 7.74
CA PRO C 63 -27.16 -23.46 8.99
C PRO C 63 -26.36 -22.92 10.17
N ASN C 64 -25.07 -23.27 10.21
CA ASN C 64 -24.22 -22.94 11.35
C ASN C 64 -23.49 -21.62 11.19
N LEU C 65 -23.97 -20.78 10.27
CA LEU C 65 -23.39 -19.46 10.05
C LEU C 65 -24.42 -18.38 10.34
N ARG C 66 -23.98 -17.31 10.99
CA ARG C 66 -24.82 -16.17 11.27
C ARG C 66 -24.02 -14.86 11.15
N VAL C 67 -24.73 -13.76 10.92
CA VAL C 67 -24.10 -12.49 10.58
C VAL C 67 -24.45 -11.40 11.58
N GLU C 68 -23.42 -10.74 12.11
CA GLU C 68 -23.64 -9.60 13.00
C GLU C 68 -22.71 -8.47 12.63
N SER C 69 -23.07 -7.26 13.05
CA SER C 69 -22.21 -6.10 12.87
C SER C 69 -21.41 -5.89 14.14
N GLY C 70 -20.25 -5.25 14.00
CA GLY C 70 -19.41 -5.00 15.15
C GLY C 70 -18.75 -3.63 15.08
N GLN C 71 -18.28 -3.16 16.22
CA GLN C 71 -17.49 -1.95 16.29
C GLN C 71 -16.38 -2.14 17.32
N GLY C 72 -15.31 -1.36 17.20
CA GLY C 72 -14.16 -1.52 18.08
C GLY C 72 -13.28 -2.68 17.65
N LEU C 73 -12.51 -3.22 18.59
CA LEU C 73 -11.57 -4.31 18.30
C LEU C 73 -12.27 -5.58 17.84
N LEU C 74 -11.73 -6.19 16.80
CA LEU C 74 -12.21 -7.47 16.33
C LEU C 74 -12.04 -8.56 17.38
N VAL C 75 -11.02 -8.44 18.22
CA VAL C 75 -10.73 -9.47 19.21
C VAL C 75 -11.74 -9.44 20.35
N ASP C 76 -12.29 -8.27 20.63
CA ASP C 76 -13.36 -8.19 21.60
C ASP C 76 -14.64 -8.77 21.02
N PHE C 77 -14.91 -8.50 19.74
CA PHE C 77 -16.06 -9.10 19.06
C PHE C 77 -16.01 -10.61 19.15
N VAL C 78 -14.83 -11.18 18.87
CA VAL C 78 -14.66 -12.61 18.87
C VAL C 78 -14.78 -13.19 20.28
N ARG C 79 -14.15 -12.55 21.24
CA ARG C 79 -14.13 -13.08 22.60
C ARG C 79 -15.41 -12.81 23.40
N GLU C 80 -16.14 -11.74 23.06
CA GLU C 80 -17.41 -11.49 23.74
C GLU C 80 -18.49 -12.42 23.19
N ARG C 81 -18.07 -13.33 22.33
CA ARG C 81 -18.93 -14.42 21.87
C ARG C 81 -18.32 -15.78 22.22
N GLY C 82 -17.34 -15.77 23.12
CA GLY C 82 -16.74 -16.98 23.64
C GLY C 82 -15.90 -17.79 22.66
N LEU C 83 -15.43 -17.12 21.60
CA LEU C 83 -14.57 -17.78 20.62
C LEU C 83 -13.16 -17.20 20.67
N ASN C 84 -12.21 -17.85 20.01
CA ASN C 84 -10.86 -17.31 19.94
C ASN C 84 -10.14 -17.67 18.63
N ALA C 85 -10.92 -17.88 17.57
CA ALA C 85 -10.35 -18.16 16.25
C ALA C 85 -10.94 -17.25 15.17
N ILE C 86 -10.06 -16.69 14.33
CA ILE C 86 -10.47 -15.85 13.16
C ILE C 86 -10.12 -16.63 11.90
N VAL C 87 -10.99 -16.59 10.90
CA VAL C 87 -10.68 -17.23 9.59
C VAL C 87 -10.66 -16.09 8.58
N LYS C 88 -9.51 -15.89 7.92
CA LYS C 88 -9.41 -14.81 6.92
C LYS C 88 -9.06 -15.43 5.57
N GLY C 89 -9.63 -14.89 4.51
CA GLY C 89 -9.33 -15.36 3.18
C GLY C 89 -8.14 -14.65 2.54
N LEU C 90 -7.49 -15.35 1.61
CA LEU C 90 -6.38 -14.82 0.82
C LEU C 90 -6.72 -14.82 -0.66
N ARG C 91 -6.51 -13.69 -1.32
CA ARG C 91 -6.70 -13.63 -2.76
C ARG C 91 -5.49 -12.98 -3.39
N THR C 92 -5.45 -12.95 -4.72
CA THR C 92 -4.45 -12.16 -5.41
C THR C 92 -4.60 -10.69 -5.00
N GLY C 93 -3.56 -10.10 -4.42
CA GLY C 93 -3.63 -8.71 -4.01
C GLY C 93 -3.90 -8.46 -2.54
N THR C 94 -4.15 -9.53 -1.80
CA THR C 94 -4.23 -9.44 -0.35
C THR C 94 -2.91 -8.88 0.18
N ASP C 95 -2.99 -7.87 1.05
CA ASP C 95 -1.78 -7.41 1.72
C ASP C 95 -1.49 -8.36 2.86
N PHE C 96 -0.83 -9.46 2.55
CA PHE C 96 -0.70 -10.55 3.51
C PHE C 96 0.25 -10.23 4.64
N GLU C 97 1.22 -9.36 4.36
CA GLU C 97 2.20 -8.93 5.38
C GLU C 97 1.46 -8.13 6.46
N TYR C 98 0.50 -7.30 6.06
CA TYR C 98 -0.29 -6.54 7.05
C TYR C 98 -1.19 -7.53 7.78
N GLU C 99 -1.74 -8.48 7.05
CA GLU C 99 -2.55 -9.52 7.69
C GLU C 99 -1.77 -10.28 8.77
N LEU C 100 -0.52 -10.64 8.47
CA LEU C 100 0.34 -11.28 9.44
C LEU C 100 0.58 -10.39 10.65
N GLN C 101 0.82 -9.10 10.41
CA GLN C 101 1.06 -8.16 11.49
C GLN C 101 -0.16 -8.08 12.41
N MET C 102 -1.35 -8.01 11.82
CA MET C 102 -2.58 -7.99 12.62
C MET C 102 -2.79 -9.31 13.34
N ALA C 103 -2.44 -10.42 12.68
CA ALA C 103 -2.60 -11.73 13.29
C ALA C 103 -1.74 -11.83 14.55
N GLN C 104 -0.51 -11.35 14.49
CA GLN C 104 0.40 -11.42 15.66
C GLN C 104 -0.05 -10.48 16.77
N MET C 105 -0.52 -9.29 16.39
CA MET C 105 -1.03 -8.34 17.36
C MET C 105 -2.25 -8.91 18.07
N ASN C 106 -3.16 -9.49 17.29
CA ASN C 106 -4.39 -10.03 17.83
C ASN C 106 -4.17 -11.21 18.76
N LYS C 107 -3.21 -12.08 18.43
CA LYS C 107 -2.82 -13.18 19.32
C LYS C 107 -2.23 -12.64 20.62
N HIS C 108 -1.42 -11.60 20.49
CA HIS C 108 -0.76 -10.99 21.65
C HIS C 108 -1.75 -10.35 22.63
N ILE C 109 -2.61 -9.48 22.14
CA ILE C 109 -3.47 -8.70 23.02
C ILE C 109 -4.65 -9.49 23.57
N ALA C 110 -5.00 -10.62 22.95
CA ALA C 110 -6.22 -11.32 23.35
C ALA C 110 -6.16 -12.84 23.23
N GLY C 111 -5.04 -13.39 22.76
CA GLY C 111 -4.91 -14.83 22.61
C GLY C 111 -5.76 -15.45 21.52
N VAL C 112 -6.17 -14.65 20.54
CA VAL C 112 -6.98 -15.15 19.44
C VAL C 112 -6.11 -15.60 18.25
N ASP C 113 -6.38 -16.82 17.77
CA ASP C 113 -5.69 -17.38 16.61
C ASP C 113 -6.29 -16.92 15.30
N THR C 114 -5.45 -16.74 14.28
CA THR C 114 -5.94 -16.48 12.93
C THR C 114 -5.52 -17.57 11.97
N PHE C 115 -6.52 -18.12 11.27
CA PHE C 115 -6.30 -19.12 10.25
C PHE C 115 -6.56 -18.50 8.89
N PHE C 116 -5.57 -18.60 8.00
CA PHE C 116 -5.73 -18.08 6.64
C PHE C 116 -6.03 -19.22 5.66
N VAL C 117 -6.92 -18.96 4.71
CA VAL C 117 -7.24 -19.95 3.70
C VAL C 117 -7.26 -19.28 2.33
N ALA C 118 -6.70 -19.94 1.33
CA ALA C 118 -6.68 -19.40 -0.02
C ALA C 118 -8.04 -19.57 -0.65
N THR C 119 -8.56 -18.53 -1.28
CA THR C 119 -9.85 -18.64 -1.97
C THR C 119 -9.66 -19.40 -3.28
N ALA C 120 -10.74 -19.98 -3.81
CA ALA C 120 -10.66 -20.74 -5.06
C ALA C 120 -10.11 -19.86 -6.19
N PRO C 121 -9.28 -20.44 -7.07
CA PRO C 121 -8.69 -19.68 -8.19
C PRO C 121 -9.69 -18.80 -8.95
N ALA C 122 -10.90 -19.32 -9.16
CA ALA C 122 -11.93 -18.58 -9.90
C ALA C 122 -12.32 -17.26 -9.26
N TYR C 123 -12.23 -17.18 -7.93
CA TYR C 123 -12.60 -15.96 -7.23
C TYR C 123 -11.39 -15.26 -6.65
N SER C 124 -10.19 -15.65 -7.10
CA SER C 124 -8.96 -15.14 -6.51
C SER C 124 -8.62 -13.72 -6.95
N PHE C 125 -9.35 -13.16 -7.91
CA PHE C 125 -8.99 -11.82 -8.35
C PHE C 125 -10.09 -10.80 -8.12
N VAL C 126 -11.19 -11.23 -7.51
CA VAL C 126 -12.29 -10.30 -7.18
C VAL C 126 -12.07 -9.74 -5.78
N SER C 127 -12.32 -8.45 -5.61
CA SER C 127 -12.27 -7.80 -4.32
C SER C 127 -13.43 -6.82 -4.35
N SER C 128 -13.94 -6.47 -3.18
CA SER C 128 -15.09 -5.53 -3.10
C SER C 128 -14.76 -4.27 -3.91
N SER C 129 -13.64 -3.64 -3.62
CA SER C 129 -13.25 -2.39 -4.31
C SER C 129 -13.19 -2.58 -5.81
N LEU C 130 -12.41 -3.56 -6.24
CA LEU C 130 -12.23 -3.74 -7.68
C LEU C 130 -13.52 -4.05 -8.40
N ALA C 131 -14.41 -4.83 -7.76
CA ALA C 131 -15.66 -5.19 -8.43
C ALA C 131 -16.54 -3.94 -8.60
N LYS C 132 -16.60 -3.12 -7.57
CA LYS C 132 -17.32 -1.86 -7.62
C LYS C 132 -16.75 -0.97 -8.73
N GLU C 133 -15.43 -0.80 -8.75
CA GLU C 133 -14.78 0.04 -9.74
C GLU C 133 -15.03 -0.42 -11.17
N VAL C 134 -14.95 -1.72 -11.40
CA VAL C 134 -15.23 -2.22 -12.72
C VAL C 134 -16.71 -2.01 -13.08
N ALA C 135 -17.59 -2.28 -12.10
CA ALA C 135 -19.02 -2.21 -12.35
C ALA C 135 -19.51 -0.78 -12.54
N THR C 136 -18.85 0.18 -11.90
CA THR C 136 -19.20 1.58 -12.14
C THR C 136 -18.89 1.95 -13.59
N TYR C 137 -17.70 1.57 -14.06
CA TYR C 137 -17.29 1.90 -15.43
C TYR C 137 -17.93 0.99 -16.46
N GLY C 138 -18.83 0.13 -16.02
CA GLY C 138 -19.67 -0.63 -16.94
C GLY C 138 -19.21 -2.01 -17.35
N GLY C 139 -18.28 -2.61 -16.62
CA GLY C 139 -17.81 -3.94 -16.92
C GLY C 139 -18.63 -4.99 -16.20
N ASP C 140 -18.70 -6.20 -16.75
CA ASP C 140 -19.54 -7.25 -16.17
C ASP C 140 -18.82 -8.07 -15.07
N VAL C 141 -19.28 -7.91 -13.84
CA VAL C 141 -18.73 -8.64 -12.70
C VAL C 141 -19.74 -9.63 -12.11
N SER C 142 -20.71 -10.03 -12.92
CA SER C 142 -21.80 -10.88 -12.43
C SER C 142 -21.33 -12.30 -12.09
N ALA C 143 -20.25 -12.73 -12.73
CA ALA C 143 -19.69 -14.05 -12.47
C ALA C 143 -18.87 -14.10 -11.18
N LEU C 144 -18.63 -12.94 -10.58
CA LEU C 144 -17.76 -12.81 -9.42
C LEU C 144 -18.49 -12.42 -8.15
N LEU C 145 -19.80 -12.17 -8.27
CA LEU C 145 -20.63 -11.78 -7.13
C LEU C 145 -21.85 -12.68 -7.04
N PRO C 146 -22.39 -12.87 -5.82
CA PRO C 146 -23.63 -13.65 -5.72
C PRO C 146 -24.80 -12.91 -6.38
N ALA C 147 -25.70 -13.64 -7.04
CA ALA C 147 -26.84 -13.03 -7.74
C ALA C 147 -27.63 -12.10 -6.83
N SER C 148 -27.67 -12.42 -5.53
CA SER C 148 -28.27 -11.57 -4.53
C SER C 148 -27.64 -10.17 -4.50
N VAL C 149 -26.34 -10.11 -4.76
CA VAL C 149 -25.61 -8.86 -4.68
C VAL C 149 -25.60 -8.13 -6.02
N HIS C 150 -25.50 -8.90 -7.10
CA HIS C 150 -25.35 -8.34 -8.44
C HIS C 150 -26.46 -7.35 -8.78
N GLN C 151 -27.68 -7.87 -8.90
CA GLN C 151 -28.84 -7.04 -9.29
C GLN C 151 -28.97 -5.89 -8.29
N ARG C 152 -28.51 -6.10 -7.06
CA ARG C 152 -28.63 -5.03 -6.04
C ARG C 152 -27.56 -3.96 -6.26
N LEU C 153 -26.38 -4.34 -6.73
CA LEU C 153 -25.29 -3.35 -6.89
C LEU C 153 -25.61 -2.42 -8.08
N LEU C 154 -26.17 -3.01 -9.12
CA LEU C 154 -26.57 -2.28 -10.32
C LEU C 154 -27.60 -1.21 -9.97
N GLY C 155 -28.64 -1.63 -9.25
CA GLY C 155 -29.71 -0.74 -8.85
C GLY C 155 -29.26 0.38 -7.91
N LYS C 156 -28.05 0.27 -7.37
CA LYS C 156 -27.49 1.30 -6.51
C LYS C 156 -26.53 2.22 -7.24
N LEU C 157 -26.43 2.00 -8.55
CA LEU C 157 -25.67 2.89 -9.41
C LEU C 157 -26.60 3.46 -10.48
N ARG C 158 -27.26 2.56 -11.22
CA ARG C 158 -28.19 2.96 -12.27
C ARG C 158 -29.58 3.27 -11.71
#